data_6AZC
#
_entry.id   6AZC
#
_cell.length_a   45.932
_cell.length_b   121.821
_cell.length_c   46.909
_cell.angle_alpha   90.000
_cell.angle_beta   91.539
_cell.angle_gamma   90.000
#
_symmetry.space_group_name_H-M   'P 1 21 1'
#
loop_
_entity.id
_entity.type
_entity.pdbx_description
1 polymer 'Pp-KAI2-like E'
2 water water
#
_entity_poly.entity_id   1
_entity_poly.type   'polypeptide(L)'
_entity_poly.pdbx_seq_one_letter_code
;GPMEEPSLLDAHNVRVVGMGSELVVLGHGFGTDQSVWKHVIPHLVDDYRVILFDNMGAGTTDPEFFSFSRYSTLHGYADD
LLSILEELEVESCIYVGHSVAGMVGCLASLERPEIFTKIITLSASPRYLNDRDYFGGFEQDDLNQLFEAMQSNFKAWVSG
FAPLAVGADIDSMAVQEFGRTLFNIRPDIAFSVAKTIFQSDLRIMLPKVTVPCHILQSSKDLAVPLVVADYLHHALGGPT
IVEVLPTEGHLPQLSSPDIIIPVLKRHLAGSL
;
_entity_poly.pdbx_strand_id   A,B
#
# COMPACT_ATOMS: atom_id res chain seq x y z
N LEU A 8 -6.25 0.99 -21.30
CA LEU A 8 -7.38 1.04 -20.39
C LEU A 8 -8.57 1.72 -21.06
N LEU A 9 -9.38 2.42 -20.27
CA LEU A 9 -10.55 3.15 -20.76
C LEU A 9 -11.57 2.23 -21.44
N ASP A 10 -11.18 1.57 -22.53
CA ASP A 10 -12.10 0.65 -23.19
C ASP A 10 -12.35 -0.59 -22.33
N ALA A 11 -11.31 -1.09 -21.67
CA ALA A 11 -11.48 -2.25 -20.80
C ALA A 11 -12.43 -1.94 -19.65
N HIS A 12 -12.47 -0.69 -19.19
CA HIS A 12 -13.31 -0.29 -18.08
C HIS A 12 -14.49 0.58 -18.51
N ASN A 13 -14.69 0.75 -19.83
CA ASN A 13 -15.82 1.52 -20.36
C ASN A 13 -15.85 2.95 -19.80
N VAL A 14 -14.67 3.58 -19.75
CA VAL A 14 -14.55 4.90 -19.14
C VAL A 14 -15.26 5.93 -20.01
N ARG A 15 -16.16 6.70 -19.40
CA ARG A 15 -16.87 7.79 -20.06
C ARG A 15 -16.65 9.09 -19.29
N VAL A 16 -16.39 10.17 -20.01
CA VAL A 16 -16.23 11.50 -19.42
C VAL A 16 -17.30 12.41 -20.01
N VAL A 17 -18.29 12.77 -19.20
CA VAL A 17 -19.38 13.66 -19.62
C VAL A 17 -19.45 14.85 -18.69
N GLY A 18 -20.00 15.94 -19.21
CA GLY A 18 -20.30 17.11 -18.40
C GLY A 18 -19.57 18.35 -18.90
N MET A 19 -19.99 19.49 -18.33
CA MET A 19 -19.41 20.79 -18.65
C MET A 19 -19.10 21.58 -17.40
N GLY A 20 -19.23 20.98 -16.23
CA GLY A 20 -19.02 21.67 -14.99
C GLY A 20 -17.54 21.89 -14.69
N SER A 21 -17.31 22.66 -13.62
CA SER A 21 -15.96 23.06 -13.26
C SER A 21 -15.18 21.96 -12.57
N GLU A 22 -15.84 21.14 -11.75
CA GLU A 22 -15.16 20.16 -10.91
C GLU A 22 -15.27 18.75 -11.46
N LEU A 23 -14.16 18.00 -11.36
CA LEU A 23 -14.14 16.60 -11.71
C LEU A 23 -14.71 15.77 -10.55
N VAL A 24 -15.66 14.88 -10.86
CA VAL A 24 -16.17 13.92 -9.90
C VAL A 24 -16.14 12.54 -10.54
N VAL A 25 -15.60 11.55 -9.83
CA VAL A 25 -15.55 10.17 -10.31
C VAL A 25 -16.66 9.37 -9.63
N LEU A 26 -17.36 8.55 -10.40
CA LEU A 26 -18.42 7.70 -9.88
C LEU A 26 -18.02 6.24 -10.00
N GLY A 27 -17.95 5.56 -8.87
CA GLY A 27 -17.67 4.14 -8.82
C GLY A 27 -18.91 3.37 -8.41
N HIS A 28 -19.00 2.12 -8.84
CA HIS A 28 -20.17 1.29 -8.61
C HIS A 28 -19.79 0.10 -7.71
N GLY A 29 -20.80 -0.47 -7.03
CA GLY A 29 -20.59 -1.58 -6.13
C GLY A 29 -20.76 -2.92 -6.82
N PHE A 30 -20.76 -4.00 -6.03
CA PHE A 30 -20.89 -5.32 -6.64
C PHE A 30 -22.30 -5.54 -7.21
N GLY A 31 -22.37 -6.19 -8.38
CA GLY A 31 -23.63 -6.59 -8.98
C GLY A 31 -24.21 -5.64 -10.01
N THR A 32 -23.78 -4.37 -10.04
CA THR A 32 -24.22 -3.48 -11.11
C THR A 32 -23.04 -2.96 -11.91
N ASP A 33 -23.22 -1.85 -12.61
CA ASP A 33 -22.15 -1.20 -13.35
C ASP A 33 -22.43 0.30 -13.33
N GLN A 34 -21.69 1.06 -14.14
CA GLN A 34 -21.86 2.51 -14.17
C GLN A 34 -23.28 2.94 -14.51
N SER A 35 -24.12 2.04 -15.03
CA SER A 35 -25.52 2.36 -15.27
C SER A 35 -26.31 2.61 -14.00
N VAL A 36 -25.77 2.22 -12.83
CA VAL A 36 -26.47 2.48 -11.57
C VAL A 36 -26.65 3.97 -11.35
N TRP A 37 -25.83 4.79 -11.99
CA TRP A 37 -25.91 6.24 -11.89
C TRP A 37 -26.79 6.86 -12.98
N LYS A 38 -27.63 6.04 -13.64
CA LYS A 38 -28.38 6.49 -14.81
C LYS A 38 -29.25 7.71 -14.48
N HIS A 39 -29.92 7.69 -13.34
CA HIS A 39 -30.81 8.78 -12.96
C HIS A 39 -30.06 9.99 -12.43
N VAL A 40 -28.78 9.83 -12.08
CA VAL A 40 -28.03 10.89 -11.43
C VAL A 40 -27.24 11.73 -12.44
N ILE A 41 -26.64 11.06 -13.43
CA ILE A 41 -25.80 11.76 -14.41
C ILE A 41 -26.47 13.00 -15.01
N PRO A 42 -27.73 12.96 -15.45
CA PRO A 42 -28.33 14.18 -16.02
C PRO A 42 -28.36 15.36 -15.07
N HIS A 43 -28.29 15.13 -13.76
CA HIS A 43 -28.32 16.23 -12.79
C HIS A 43 -26.93 16.73 -12.40
N LEU A 44 -25.85 16.12 -12.91
CA LEU A 44 -24.51 16.54 -12.56
C LEU A 44 -23.75 17.22 -13.69
N VAL A 45 -24.15 17.01 -14.95
CA VAL A 45 -23.34 17.46 -16.08
C VAL A 45 -23.27 18.98 -16.16
N ASP A 46 -24.31 19.69 -15.69
CA ASP A 46 -24.30 21.15 -15.68
C ASP A 46 -23.32 21.70 -14.65
N ASP A 47 -23.13 20.99 -13.54
CA ASP A 47 -22.29 21.46 -12.45
C ASP A 47 -20.95 20.76 -12.33
N TYR A 48 -20.79 19.59 -12.94
CA TYR A 48 -19.57 18.81 -12.79
C TYR A 48 -19.20 18.17 -14.13
N ARG A 49 -17.94 17.72 -14.20
CA ARG A 49 -17.41 16.93 -15.31
C ARG A 49 -17.27 15.49 -14.83
N VAL A 50 -18.13 14.61 -15.32
CA VAL A 50 -18.32 13.29 -14.74
C VAL A 50 -17.51 12.25 -15.50
N ILE A 51 -16.77 11.43 -14.75
CA ILE A 51 -16.06 10.27 -15.28
C ILE A 51 -16.66 9.03 -14.66
N LEU A 52 -17.16 8.13 -15.49
CA LEU A 52 -17.73 6.88 -15.03
C LEU A 52 -16.91 5.71 -15.56
N PHE A 53 -16.91 4.61 -14.82
CA PHE A 53 -16.12 3.44 -15.19
C PHE A 53 -16.71 2.21 -14.51
N ASP A 54 -16.36 1.05 -15.07
CA ASP A 54 -16.83 -0.23 -14.56
C ASP A 54 -15.67 -1.00 -13.94
N ASN A 55 -15.94 -1.65 -12.81
CA ASN A 55 -14.95 -2.49 -12.17
C ASN A 55 -14.70 -3.74 -13.00
N MET A 56 -13.43 -4.14 -13.08
CA MET A 56 -13.06 -5.38 -13.77
C MET A 56 -13.81 -6.55 -13.16
N GLY A 57 -14.49 -7.32 -14.02
CA GLY A 57 -15.28 -8.46 -13.59
C GLY A 57 -16.78 -8.23 -13.62
N ALA A 58 -17.23 -7.01 -13.91
CA ALA A 58 -18.66 -6.77 -14.05
C ALA A 58 -19.17 -7.38 -15.35
N GLY A 59 -20.50 -7.35 -15.52
CA GLY A 59 -21.10 -7.91 -16.72
C GLY A 59 -20.69 -7.18 -17.98
N THR A 60 -20.60 -5.85 -17.92
CA THR A 60 -20.28 -5.04 -19.09
C THR A 60 -18.79 -5.06 -19.44
N THR A 61 -17.99 -5.91 -18.81
CA THR A 61 -16.56 -5.95 -19.04
C THR A 61 -16.17 -7.30 -19.61
N ASP A 62 -14.98 -7.36 -20.21
CA ASP A 62 -14.49 -8.61 -20.77
C ASP A 62 -13.59 -9.28 -19.74
N PRO A 63 -14.03 -10.34 -19.08
CA PRO A 63 -13.19 -10.96 -18.06
C PRO A 63 -12.68 -12.30 -18.57
N GLU A 64 -12.10 -12.29 -19.77
CA GLU A 64 -11.59 -13.52 -20.36
C GLU A 64 -10.55 -14.16 -19.45
N PHE A 65 -9.44 -13.48 -19.21
CA PHE A 65 -8.42 -13.95 -18.29
C PHE A 65 -8.39 -13.03 -17.08
N PHE A 66 -9.41 -13.23 -16.25
CA PHE A 66 -9.57 -12.55 -14.98
C PHE A 66 -8.53 -13.08 -14.00
N SER A 67 -7.71 -12.19 -13.46
CA SER A 67 -6.69 -12.61 -12.51
C SER A 67 -7.36 -12.63 -11.14
N PHE A 68 -7.74 -13.82 -10.70
CA PHE A 68 -8.34 -13.99 -9.38
C PHE A 68 -7.36 -13.67 -8.26
N SER A 69 -6.06 -13.64 -8.54
CA SER A 69 -5.09 -13.20 -7.55
C SER A 69 -5.04 -11.67 -7.45
N ARG A 70 -5.15 -10.99 -8.59
CA ARG A 70 -5.11 -9.52 -8.57
C ARG A 70 -6.28 -8.95 -7.78
N TYR A 71 -7.42 -9.62 -7.80
CA TYR A 71 -8.63 -9.11 -7.17
C TYR A 71 -9.03 -9.92 -5.94
N SER A 72 -8.09 -10.65 -5.34
CA SER A 72 -8.33 -11.27 -4.05
C SER A 72 -8.39 -10.26 -2.92
N THR A 73 -7.84 -9.07 -3.13
CA THR A 73 -7.93 -7.94 -2.21
C THR A 73 -8.47 -6.75 -2.98
N LEU A 74 -9.06 -5.79 -2.27
CA LEU A 74 -9.55 -4.60 -2.96
C LEU A 74 -8.43 -3.73 -3.54
N HIS A 75 -7.16 -4.09 -3.35
CA HIS A 75 -6.08 -3.32 -3.96
C HIS A 75 -6.13 -3.39 -5.48
N GLY A 76 -6.54 -4.55 -6.03
CA GLY A 76 -6.62 -4.67 -7.48
C GLY A 76 -7.61 -3.70 -8.09
N TYR A 77 -8.78 -3.56 -7.46
CA TYR A 77 -9.75 -2.56 -7.91
C TYR A 77 -9.22 -1.14 -7.69
N ALA A 78 -8.53 -0.91 -6.56
CA ALA A 78 -7.97 0.41 -6.29
C ALA A 78 -6.91 0.80 -7.32
N ASP A 79 -6.03 -0.13 -7.69
CA ASP A 79 -5.02 0.15 -8.71
C ASP A 79 -5.68 0.48 -10.05
N ASP A 80 -6.77 -0.22 -10.37
CA ASP A 80 -7.50 0.10 -11.60
C ASP A 80 -7.94 1.57 -11.59
N LEU A 81 -8.60 1.99 -10.52
CA LEU A 81 -9.04 3.38 -10.39
C LEU A 81 -7.89 4.35 -10.58
N LEU A 82 -6.76 4.11 -9.90
CA LEU A 82 -5.60 4.99 -10.04
C LEU A 82 -5.06 4.99 -11.47
N SER A 83 -4.96 3.81 -12.08
CA SER A 83 -4.48 3.73 -13.45
C SER A 83 -5.38 4.50 -14.39
N ILE A 84 -6.70 4.43 -14.18
CA ILE A 84 -7.64 5.15 -15.04
C ILE A 84 -7.46 6.66 -14.86
N LEU A 85 -7.50 7.13 -13.62
CA LEU A 85 -7.26 8.55 -13.36
C LEU A 85 -5.87 8.96 -13.86
N GLU A 86 -4.88 8.10 -13.69
CA GLU A 86 -3.56 8.35 -14.27
C GLU A 86 -3.66 8.48 -15.79
N GLU A 87 -4.34 7.52 -16.43
CA GLU A 87 -4.45 7.55 -17.90
C GLU A 87 -5.23 8.77 -18.37
N LEU A 88 -6.28 9.15 -17.65
CA LEU A 88 -7.01 10.37 -17.97
C LEU A 88 -6.27 11.63 -17.55
N GLU A 89 -5.07 11.49 -16.98
CA GLU A 89 -4.26 12.62 -16.51
C GLU A 89 -5.03 13.44 -15.48
N VAL A 90 -5.78 12.77 -14.62
CA VAL A 90 -6.53 13.44 -13.56
C VAL A 90 -5.62 13.65 -12.36
N GLU A 91 -5.46 14.90 -11.94
CA GLU A 91 -4.65 15.24 -10.79
C GLU A 91 -5.46 15.61 -9.55
N SER A 92 -6.74 15.93 -9.70
CA SER A 92 -7.55 16.38 -8.57
C SER A 92 -9.02 16.21 -8.93
N CYS A 93 -9.76 15.54 -8.05
CA CYS A 93 -11.15 15.24 -8.32
C CYS A 93 -11.86 14.88 -7.02
N ILE A 94 -13.19 14.96 -7.07
CA ILE A 94 -14.05 14.40 -6.04
C ILE A 94 -14.38 12.97 -6.43
N TYR A 95 -14.25 12.04 -5.49
CA TYR A 95 -14.60 10.64 -5.74
C TYR A 95 -15.87 10.28 -4.98
N VAL A 96 -16.82 9.68 -5.69
CA VAL A 96 -18.05 9.17 -5.09
C VAL A 96 -18.09 7.66 -5.34
N GLY A 97 -18.07 6.89 -4.26
CA GLY A 97 -18.04 5.45 -4.35
C GLY A 97 -19.26 4.78 -3.75
N HIS A 98 -19.99 4.00 -4.55
CA HIS A 98 -21.15 3.27 -4.06
C HIS A 98 -20.71 1.90 -3.57
N SER A 99 -21.09 1.55 -2.35
CA SER A 99 -20.84 0.22 -1.76
C SER A 99 -19.35 -0.05 -1.80
N VAL A 100 -18.88 -1.12 -2.47
CA VAL A 100 -17.48 -1.51 -2.38
C VAL A 100 -16.58 -0.46 -3.00
N ALA A 101 -17.10 0.34 -3.93
CA ALA A 101 -16.30 1.39 -4.54
C ALA A 101 -16.03 2.53 -3.56
N GLY A 102 -16.77 2.59 -2.46
CA GLY A 102 -16.41 3.52 -1.39
C GLY A 102 -15.08 3.18 -0.76
N MET A 103 -14.93 1.93 -0.32
CA MET A 103 -13.67 1.49 0.28
C MET A 103 -12.53 1.51 -0.73
N VAL A 104 -12.84 1.31 -2.01
CA VAL A 104 -11.82 1.33 -3.04
C VAL A 104 -11.26 2.73 -3.20
N GLY A 105 -12.12 3.75 -3.16
CA GLY A 105 -11.64 5.12 -3.20
C GLY A 105 -10.84 5.49 -1.98
N CYS A 106 -11.27 5.02 -0.81
CA CYS A 106 -10.49 5.23 0.41
C CYS A 106 -9.15 4.53 0.32
N LEU A 107 -9.14 3.29 -0.18
CA LEU A 107 -7.89 2.56 -0.34
C LEU A 107 -7.00 3.21 -1.39
N ALA A 108 -7.60 3.69 -2.50
CA ALA A 108 -6.82 4.37 -3.52
C ALA A 108 -6.30 5.72 -3.03
N SER A 109 -7.09 6.41 -2.19
CA SER A 109 -6.64 7.68 -1.65
C SER A 109 -5.45 7.52 -0.71
N LEU A 110 -5.26 6.33 -0.12
CA LEU A 110 -4.05 6.08 0.65
C LEU A 110 -2.82 6.15 -0.24
N GLU A 111 -2.96 5.75 -1.49
CA GLU A 111 -1.83 5.71 -2.39
C GLU A 111 -1.56 7.06 -3.07
N ARG A 112 -2.61 7.83 -3.35
CA ARG A 112 -2.48 9.15 -3.97
C ARG A 112 -3.52 10.08 -3.36
N PRO A 113 -3.31 10.54 -2.13
CA PRO A 113 -4.30 11.42 -1.49
C PRO A 113 -4.38 12.81 -2.10
N GLU A 114 -3.36 13.23 -2.85
CA GLU A 114 -3.43 14.53 -3.51
C GLU A 114 -4.45 14.53 -4.65
N ILE A 115 -4.75 13.36 -5.20
CA ILE A 115 -5.67 13.27 -6.33
C ILE A 115 -7.11 13.48 -5.86
N PHE A 116 -7.40 13.19 -4.61
CA PHE A 116 -8.76 13.25 -4.10
C PHE A 116 -8.89 14.42 -3.13
N THR A 117 -9.73 15.39 -3.48
CA THR A 117 -10.07 16.47 -2.56
C THR A 117 -11.22 16.11 -1.63
N LYS A 118 -12.06 15.13 -2.01
CA LYS A 118 -13.23 14.78 -1.24
C LYS A 118 -13.68 13.39 -1.66
N ILE A 119 -14.05 12.57 -0.69
CA ILE A 119 -14.57 11.22 -0.94
C ILE A 119 -15.98 11.14 -0.36
N ILE A 120 -16.93 10.66 -1.17
CA ILE A 120 -18.29 10.41 -0.74
C ILE A 120 -18.57 8.93 -0.89
N THR A 121 -18.85 8.26 0.23
CA THR A 121 -19.21 6.85 0.22
C THR A 121 -20.72 6.71 0.33
N LEU A 122 -21.29 5.78 -0.44
CA LEU A 122 -22.72 5.52 -0.42
C LEU A 122 -22.93 4.02 -0.23
N SER A 123 -23.54 3.65 0.90
CA SER A 123 -23.79 2.25 1.25
C SER A 123 -22.49 1.46 1.37
N ALA A 124 -21.41 2.12 1.79
CA ALA A 124 -20.12 1.49 1.91
C ALA A 124 -19.99 0.81 3.27
N SER A 125 -19.00 -0.09 3.36
CA SER A 125 -18.75 -0.82 4.59
C SER A 125 -17.34 -1.41 4.59
N PRO A 126 -16.58 -1.26 5.69
CA PRO A 126 -15.23 -1.83 5.74
C PRO A 126 -15.21 -3.28 6.20
N ARG A 127 -16.35 -3.82 6.64
CA ARG A 127 -16.45 -5.20 7.07
C ARG A 127 -17.93 -5.58 7.21
N TYR A 128 -18.32 -6.72 6.65
CA TYR A 128 -19.69 -7.19 6.77
C TYR A 128 -19.87 -8.25 7.85
N LEU A 129 -18.82 -9.01 8.15
CA LEU A 129 -18.88 -9.98 9.24
C LEU A 129 -18.88 -9.27 10.59
N ASN A 130 -19.63 -9.83 11.55
CA ASN A 130 -19.56 -9.35 12.92
C ASN A 130 -18.21 -9.69 13.53
N ASP A 131 -17.96 -9.10 14.70
CA ASP A 131 -16.73 -9.34 15.44
C ASP A 131 -16.91 -8.77 16.85
N ARG A 132 -15.88 -8.92 17.67
CA ARG A 132 -15.90 -8.39 19.02
C ARG A 132 -16.04 -6.87 18.99
N ASP A 133 -17.16 -6.37 19.52
CA ASP A 133 -17.44 -4.94 19.59
C ASP A 133 -17.53 -4.31 18.19
N TYR A 134 -18.13 -5.04 17.25
CA TYR A 134 -18.33 -4.53 15.89
C TYR A 134 -19.50 -5.27 15.27
N PHE A 135 -20.58 -4.54 14.97
CA PHE A 135 -21.75 -5.10 14.31
C PHE A 135 -21.66 -4.81 12.81
N GLY A 136 -21.42 -5.85 12.03
CA GLY A 136 -21.30 -5.72 10.59
C GLY A 136 -22.55 -6.13 9.85
N GLY A 137 -23.35 -7.00 10.47
CA GLY A 137 -24.63 -7.43 9.93
C GLY A 137 -24.74 -8.91 9.65
N PHE A 138 -23.63 -9.62 9.48
CA PHE A 138 -23.66 -11.02 9.04
C PHE A 138 -22.74 -11.87 9.90
N GLU A 139 -23.09 -13.15 9.99
CA GLU A 139 -22.22 -14.17 10.55
C GLU A 139 -21.64 -15.01 9.42
N GLN A 140 -20.62 -15.82 9.76
CA GLN A 140 -20.00 -16.66 8.75
C GLN A 140 -20.97 -17.70 8.20
N ASP A 141 -21.88 -18.21 9.03
CA ASP A 141 -22.87 -19.15 8.53
C ASP A 141 -23.93 -18.45 7.69
N ASP A 142 -24.13 -17.14 7.89
CA ASP A 142 -24.95 -16.37 6.97
C ASP A 142 -24.27 -16.25 5.61
N LEU A 143 -22.94 -16.10 5.61
CA LEU A 143 -22.19 -16.03 4.36
C LEU A 143 -22.11 -17.40 3.68
N ASN A 144 -21.91 -18.46 4.46
CA ASN A 144 -21.79 -19.80 3.89
C ASN A 144 -23.05 -20.20 3.13
N GLN A 145 -24.22 -19.94 3.71
CA GLN A 145 -25.47 -20.28 3.01
C GLN A 145 -25.60 -19.50 1.71
N LEU A 146 -25.19 -18.23 1.72
CA LEU A 146 -25.31 -17.42 0.52
C LEU A 146 -24.34 -17.90 -0.55
N PHE A 147 -23.12 -18.28 -0.18
CA PHE A 147 -22.15 -18.74 -1.17
C PHE A 147 -22.58 -20.06 -1.80
N GLU A 148 -23.12 -20.97 -0.99
CA GLU A 148 -23.56 -22.26 -1.52
C GLU A 148 -24.83 -22.10 -2.34
N ALA A 149 -25.73 -21.21 -1.93
CA ALA A 149 -26.92 -20.93 -2.72
C ALA A 149 -26.57 -20.32 -4.07
N MET A 150 -25.52 -19.51 -4.13
CA MET A 150 -25.11 -18.92 -5.40
C MET A 150 -24.54 -19.98 -6.34
N GLN A 151 -23.88 -21.01 -5.79
CA GLN A 151 -23.38 -22.11 -6.60
C GLN A 151 -24.45 -23.17 -6.85
N SER A 152 -25.43 -23.30 -5.96
CA SER A 152 -26.49 -24.29 -6.16
C SER A 152 -27.33 -23.96 -7.38
N ASN A 153 -27.85 -22.73 -7.44
CA ASN A 153 -28.56 -22.23 -8.63
C ASN A 153 -28.39 -20.72 -8.65
N PHE A 154 -27.42 -20.24 -9.42
CA PHE A 154 -27.11 -18.81 -9.45
C PHE A 154 -28.32 -17.98 -9.85
N LYS A 155 -29.13 -18.47 -10.79
CA LYS A 155 -30.28 -17.68 -11.23
C LYS A 155 -31.36 -17.63 -10.17
N ALA A 156 -31.56 -18.74 -9.45
CA ALA A 156 -32.52 -18.74 -8.35
C ALA A 156 -32.07 -17.82 -7.22
N TRP A 157 -30.76 -17.72 -6.99
CA TRP A 157 -30.24 -16.82 -5.96
C TRP A 157 -30.47 -15.36 -6.34
N VAL A 158 -30.15 -15.00 -7.58
CA VAL A 158 -30.30 -13.61 -8.03
C VAL A 158 -31.75 -13.16 -7.90
N SER A 159 -32.69 -14.07 -8.15
CA SER A 159 -34.10 -13.73 -8.05
C SER A 159 -34.51 -13.39 -6.62
N GLY A 160 -33.78 -13.89 -5.62
CA GLY A 160 -34.06 -13.58 -4.23
C GLY A 160 -33.18 -12.51 -3.65
N PHE A 161 -31.92 -12.44 -4.11
CA PHE A 161 -30.97 -11.48 -3.56
C PHE A 161 -31.30 -10.06 -4.01
N ALA A 162 -31.53 -9.87 -5.31
CA ALA A 162 -31.83 -8.53 -5.81
C ALA A 162 -33.04 -7.89 -5.15
N PRO A 163 -34.10 -8.63 -4.78
CA PRO A 163 -35.16 -7.98 -4.00
C PRO A 163 -34.73 -7.56 -2.60
N LEU A 164 -33.73 -8.20 -2.01
CA LEU A 164 -33.27 -7.83 -0.68
C LEU A 164 -32.20 -6.76 -0.69
N ALA A 165 -31.33 -6.76 -1.71
CA ALA A 165 -30.32 -5.72 -1.80
C ALA A 165 -30.96 -4.37 -2.11
N VAL A 166 -31.82 -4.31 -3.12
CA VAL A 166 -32.48 -3.07 -3.47
C VAL A 166 -33.60 -2.75 -2.50
N GLY A 167 -34.12 -3.75 -1.78
CA GLY A 167 -35.36 -3.59 -1.06
C GLY A 167 -36.52 -3.58 -2.04
N ALA A 168 -37.68 -3.15 -1.53
CA ALA A 168 -38.88 -2.97 -2.35
C ALA A 168 -39.36 -4.25 -3.03
N ASP A 169 -40.34 -4.12 -3.92
CA ASP A 169 -41.00 -5.24 -4.58
C ASP A 169 -40.05 -6.00 -5.53
N ILE A 170 -40.42 -7.25 -5.80
CA ILE A 170 -39.73 -8.02 -6.83
C ILE A 170 -39.98 -7.41 -8.21
N ASP A 171 -41.13 -6.75 -8.39
CA ASP A 171 -41.46 -6.19 -9.69
C ASP A 171 -40.92 -4.78 -9.90
N SER A 172 -40.29 -4.17 -8.91
CA SER A 172 -39.90 -2.77 -9.03
C SER A 172 -38.75 -2.62 -10.03
N MET A 173 -38.69 -1.46 -10.68
CA MET A 173 -37.78 -1.27 -11.81
C MET A 173 -36.32 -1.36 -11.39
N ALA A 174 -35.98 -0.86 -10.20
CA ALA A 174 -34.61 -0.97 -9.73
C ALA A 174 -34.23 -2.42 -9.51
N VAL A 175 -35.16 -3.22 -8.98
CA VAL A 175 -34.92 -4.64 -8.78
C VAL A 175 -34.65 -5.34 -10.10
N GLN A 176 -35.50 -5.10 -11.10
CA GLN A 176 -35.31 -5.73 -12.41
C GLN A 176 -33.94 -5.39 -12.97
N GLU A 177 -33.53 -4.12 -12.90
CA GLU A 177 -32.25 -3.70 -13.44
C GLU A 177 -31.09 -4.34 -12.69
N PHE A 178 -31.11 -4.27 -11.36
CA PHE A 178 -29.99 -4.80 -10.58
C PHE A 178 -29.87 -6.31 -10.74
N GLY A 179 -30.99 -7.03 -10.59
CA GLY A 179 -30.95 -8.47 -10.81
C GLY A 179 -30.47 -8.83 -12.21
N ARG A 180 -30.80 -8.01 -13.20
CA ARG A 180 -30.34 -8.24 -14.56
C ARG A 180 -28.84 -8.09 -14.67
N THR A 181 -28.29 -7.01 -14.12
CA THR A 181 -26.83 -6.82 -14.15
C THR A 181 -26.13 -7.82 -13.23
N LEU A 182 -26.75 -8.13 -12.09
CA LEU A 182 -26.18 -9.13 -11.18
C LEU A 182 -26.11 -10.50 -11.85
N PHE A 183 -27.14 -10.85 -12.61
CA PHE A 183 -27.21 -12.14 -13.29
C PHE A 183 -26.30 -12.21 -14.51
N ASN A 184 -25.87 -11.07 -15.04
CA ASN A 184 -25.00 -11.04 -16.22
C ASN A 184 -23.53 -11.28 -15.88
N ILE A 185 -23.17 -11.32 -14.59
CA ILE A 185 -21.79 -11.63 -14.21
C ILE A 185 -21.52 -13.11 -14.46
N ARG A 186 -20.37 -13.39 -15.06
CA ARG A 186 -19.92 -14.76 -15.26
C ARG A 186 -19.89 -15.48 -13.91
N PRO A 187 -20.60 -16.61 -13.76
CA PRO A 187 -20.84 -17.14 -12.40
C PRO A 187 -19.58 -17.48 -11.62
N ASP A 188 -18.55 -18.01 -12.28
CA ASP A 188 -17.33 -18.33 -11.56
C ASP A 188 -16.61 -17.07 -11.06
N ILE A 189 -16.93 -15.90 -11.60
CA ILE A 189 -16.40 -14.64 -11.09
C ILE A 189 -17.29 -14.05 -10.00
N ALA A 190 -18.61 -14.08 -10.19
CA ALA A 190 -19.53 -13.49 -9.22
C ALA A 190 -19.37 -14.11 -7.83
N PHE A 191 -19.33 -15.44 -7.76
CA PHE A 191 -19.12 -16.12 -6.47
C PHE A 191 -17.79 -15.73 -5.85
N SER A 192 -16.71 -15.75 -6.65
CA SER A 192 -15.39 -15.42 -6.14
C SER A 192 -15.32 -13.97 -5.67
N VAL A 193 -15.86 -13.05 -6.45
CA VAL A 193 -15.82 -11.64 -6.07
C VAL A 193 -16.72 -11.37 -4.88
N ALA A 194 -17.84 -12.08 -4.77
CA ALA A 194 -18.70 -11.94 -3.61
C ALA A 194 -18.02 -12.47 -2.35
N LYS A 195 -17.10 -13.43 -2.51
CA LYS A 195 -16.34 -13.93 -1.37
C LYS A 195 -15.35 -12.88 -0.88
N THR A 196 -14.56 -12.33 -1.81
CA THR A 196 -13.63 -11.25 -1.48
C THR A 196 -14.34 -10.10 -0.77
N ILE A 197 -15.46 -9.66 -1.34
CA ILE A 197 -16.18 -8.50 -0.79
C ILE A 197 -16.80 -8.84 0.56
N PHE A 198 -17.64 -9.87 0.61
CA PHE A 198 -18.40 -10.14 1.82
C PHE A 198 -17.50 -10.52 2.99
N GLN A 199 -16.32 -11.07 2.72
CA GLN A 199 -15.39 -11.46 3.77
C GLN A 199 -14.28 -10.43 3.98
N SER A 200 -14.38 -9.26 3.34
CA SER A 200 -13.33 -8.26 3.46
C SER A 200 -13.34 -7.65 4.87
N ASP A 201 -12.17 -7.13 5.26
CA ASP A 201 -12.03 -6.45 6.54
C ASP A 201 -11.01 -5.33 6.34
N LEU A 202 -11.51 -4.11 6.08
CA LEU A 202 -10.66 -2.96 5.81
C LEU A 202 -10.64 -1.97 6.96
N ARG A 203 -10.92 -2.43 8.19
CA ARG A 203 -10.97 -1.54 9.33
C ARG A 203 -9.59 -1.02 9.71
N ILE A 204 -8.54 -1.84 9.51
CA ILE A 204 -7.18 -1.40 9.81
C ILE A 204 -6.78 -0.21 8.93
N MET A 205 -7.31 -0.14 7.71
CA MET A 205 -6.93 0.92 6.79
C MET A 205 -7.54 2.26 7.16
N LEU A 206 -8.74 2.25 7.74
CA LEU A 206 -9.53 3.47 7.94
C LEU A 206 -8.79 4.60 8.63
N PRO A 207 -8.07 4.40 9.75
CA PRO A 207 -7.40 5.55 10.39
C PRO A 207 -6.37 6.22 9.50
N LYS A 208 -5.78 5.47 8.56
CA LYS A 208 -4.79 6.03 7.65
C LYS A 208 -5.38 6.94 6.59
N VAL A 209 -6.70 7.07 6.52
CA VAL A 209 -7.34 7.94 5.54
C VAL A 209 -7.32 9.38 6.04
N THR A 210 -6.79 10.29 5.21
CA THR A 210 -6.74 11.70 5.56
C THR A 210 -7.67 12.56 4.73
N VAL A 211 -8.12 12.07 3.58
CA VAL A 211 -9.05 12.83 2.72
C VAL A 211 -10.37 13.00 3.46
N PRO A 212 -11.02 14.17 3.37
CA PRO A 212 -12.35 14.30 3.96
C PRO A 212 -13.34 13.33 3.31
N CYS A 213 -14.15 12.69 4.15
CA CYS A 213 -15.10 11.70 3.69
C CYS A 213 -16.51 12.07 4.15
N HIS A 214 -17.46 12.04 3.22
CA HIS A 214 -18.86 12.26 3.52
C HIS A 214 -19.55 10.90 3.40
N ILE A 215 -20.06 10.40 4.52
CA ILE A 215 -20.61 9.05 4.61
C ILE A 215 -22.11 9.15 4.47
N LEU A 216 -22.63 8.76 3.30
CA LEU A 216 -24.06 8.69 3.06
C LEU A 216 -24.49 7.24 3.22
N GLN A 217 -25.67 7.05 3.81
CA GLN A 217 -26.08 5.70 4.19
C GLN A 217 -27.59 5.69 4.36
N SER A 218 -28.23 4.67 3.79
CA SER A 218 -29.66 4.51 3.98
C SER A 218 -29.98 4.08 5.41
N SER A 219 -31.06 4.62 5.95
CA SER A 219 -31.48 4.25 7.30
C SER A 219 -31.83 2.77 7.39
N LYS A 220 -32.26 2.19 6.27
CA LYS A 220 -32.61 0.77 6.20
C LYS A 220 -31.78 0.17 5.06
N ASP A 221 -30.63 -0.41 5.41
CA ASP A 221 -29.75 -1.05 4.45
C ASP A 221 -29.42 -2.43 4.97
N LEU A 222 -29.82 -3.46 4.22
CA LEU A 222 -29.70 -4.83 4.70
C LEU A 222 -28.27 -5.34 4.65
N ALA A 223 -27.43 -4.78 3.79
CA ALA A 223 -26.01 -5.13 3.76
C ALA A 223 -25.16 -4.24 4.66
N VAL A 224 -25.69 -3.11 5.13
CA VAL A 224 -24.92 -2.16 5.94
C VAL A 224 -25.83 -1.63 7.04
N PRO A 225 -25.69 -2.11 8.28
CA PRO A 225 -26.46 -1.53 9.39
C PRO A 225 -26.09 -0.08 9.63
N LEU A 226 -27.06 0.68 10.15
CA LEU A 226 -26.87 2.11 10.44
C LEU A 226 -25.61 2.34 11.27
N VAL A 227 -25.30 1.44 12.20
CA VAL A 227 -24.16 1.60 13.09
C VAL A 227 -22.84 1.66 12.33
N VAL A 228 -22.81 1.12 11.11
CA VAL A 228 -21.58 1.14 10.32
C VAL A 228 -21.25 2.55 9.86
N ALA A 229 -22.27 3.39 9.66
CA ALA A 229 -22.01 4.78 9.28
C ALA A 229 -21.26 5.53 10.38
N ASP A 230 -21.73 5.40 11.62
CA ASP A 230 -21.04 6.06 12.74
C ASP A 230 -19.65 5.49 12.95
N TYR A 231 -19.46 4.20 12.71
CA TYR A 231 -18.13 3.61 12.84
C TYR A 231 -17.13 4.25 11.89
N LEU A 232 -17.53 4.42 10.62
CA LEU A 232 -16.67 5.09 9.66
C LEU A 232 -16.37 6.52 10.11
N HIS A 233 -17.38 7.23 10.63
CA HIS A 233 -17.18 8.59 11.10
C HIS A 233 -16.09 8.65 12.16
N HIS A 234 -16.04 7.66 13.04
CA HIS A 234 -15.06 7.64 14.11
C HIS A 234 -13.75 6.96 13.72
N ALA A 235 -13.75 6.15 12.66
CA ALA A 235 -12.56 5.39 12.29
C ALA A 235 -11.71 6.06 11.22
N LEU A 236 -12.31 6.78 10.28
CA LEU A 236 -11.53 7.48 9.27
C LEU A 236 -10.66 8.55 9.93
N GLY A 237 -9.38 8.55 9.58
CA GLY A 237 -8.42 9.46 10.21
C GLY A 237 -8.58 10.90 9.79
N GLY A 238 -9.32 11.18 8.72
CA GLY A 238 -9.54 12.53 8.25
C GLY A 238 -10.91 13.03 8.63
N PRO A 239 -11.20 14.30 8.31
CA PRO A 239 -12.50 14.87 8.67
C PRO A 239 -13.64 14.08 8.04
N THR A 240 -14.74 13.95 8.76
CA THR A 240 -15.85 13.11 8.35
C THR A 240 -17.17 13.75 8.76
N ILE A 241 -18.22 13.44 8.00
CA ILE A 241 -19.60 13.78 8.34
C ILE A 241 -20.49 12.64 7.91
N VAL A 242 -21.60 12.45 8.62
CA VAL A 242 -22.55 11.38 8.36
C VAL A 242 -23.92 12.00 8.13
N GLU A 243 -24.54 11.62 7.01
CA GLU A 243 -25.91 12.02 6.71
C GLU A 243 -26.71 10.76 6.39
N VAL A 244 -27.77 10.51 7.16
CA VAL A 244 -28.63 9.36 6.96
C VAL A 244 -29.68 9.71 5.91
N LEU A 245 -29.84 8.84 4.92
CA LEU A 245 -30.83 9.05 3.88
C LEU A 245 -32.16 8.44 4.29
N PRO A 246 -33.27 9.17 4.17
CA PRO A 246 -34.59 8.62 4.53
C PRO A 246 -35.12 7.65 3.48
N THR A 247 -34.34 6.60 3.21
CA THR A 247 -34.68 5.63 2.18
C THR A 247 -34.39 4.22 2.71
N GLU A 248 -34.80 3.23 1.92
CA GLU A 248 -34.46 1.84 2.15
C GLU A 248 -33.79 1.27 0.92
N GLY A 249 -32.71 0.51 1.12
CA GLY A 249 -32.04 -0.13 0.00
C GLY A 249 -30.54 0.07 -0.09
N HIS A 250 -29.87 -0.86 -0.77
CA HIS A 250 -28.43 -0.80 -0.96
C HIS A 250 -28.03 0.10 -2.12
N LEU A 251 -28.90 0.28 -3.10
CA LEU A 251 -28.63 1.09 -4.29
C LEU A 251 -29.68 2.20 -4.40
N PRO A 252 -29.72 3.11 -3.42
CA PRO A 252 -30.80 4.12 -3.42
C PRO A 252 -30.71 5.13 -4.56
N GLN A 253 -29.53 5.35 -5.15
CA GLN A 253 -29.44 6.24 -6.30
C GLN A 253 -30.19 5.68 -7.50
N LEU A 254 -30.41 4.37 -7.54
CA LEU A 254 -31.19 3.71 -8.58
C LEU A 254 -32.67 3.66 -8.21
N SER A 255 -32.98 3.17 -7.01
CA SER A 255 -34.37 2.99 -6.60
C SER A 255 -35.03 4.31 -6.22
N SER A 256 -34.30 5.21 -5.58
CA SER A 256 -34.87 6.45 -5.03
C SER A 256 -34.01 7.65 -5.40
N PRO A 257 -33.84 7.92 -6.71
CA PRO A 257 -33.02 9.07 -7.11
C PRO A 257 -33.60 10.41 -6.70
N ASP A 258 -34.93 10.50 -6.52
CA ASP A 258 -35.54 11.76 -6.14
C ASP A 258 -35.01 12.25 -4.80
N ILE A 259 -34.65 11.34 -3.90
CA ILE A 259 -34.11 11.71 -2.59
C ILE A 259 -32.59 11.79 -2.60
N ILE A 260 -31.93 10.86 -3.28
CA ILE A 260 -30.48 10.77 -3.23
C ILE A 260 -29.84 11.98 -3.92
N ILE A 261 -30.35 12.36 -5.10
CA ILE A 261 -29.70 13.39 -5.90
C ILE A 261 -29.50 14.70 -5.14
N PRO A 262 -30.51 15.29 -4.49
CA PRO A 262 -30.27 16.53 -3.75
C PRO A 262 -29.25 16.39 -2.63
N VAL A 263 -29.19 15.22 -1.98
CA VAL A 263 -28.22 15.01 -0.91
C VAL A 263 -26.81 14.89 -1.49
N LEU A 264 -26.67 14.15 -2.59
CA LEU A 264 -25.35 13.97 -3.19
C LEU A 264 -24.79 15.29 -3.71
N LYS A 265 -25.63 16.09 -4.37
CA LYS A 265 -25.15 17.37 -4.89
C LYS A 265 -24.82 18.32 -3.74
N ARG A 266 -25.58 18.25 -2.65
CA ARG A 266 -25.30 19.10 -1.50
C ARG A 266 -23.94 18.76 -0.89
N HIS A 267 -23.58 17.47 -0.86
CA HIS A 267 -22.25 17.10 -0.37
C HIS A 267 -21.17 17.35 -1.42
N LEU A 268 -21.53 17.30 -2.70
CA LEU A 268 -20.57 17.62 -3.74
C LEU A 268 -20.23 19.11 -3.75
N ALA A 269 -21.21 19.95 -3.43
CA ALA A 269 -21.03 21.40 -3.45
C ALA A 269 -20.57 21.96 -2.12
N GLY A 270 -20.78 21.25 -1.02
CA GLY A 270 -20.38 21.73 0.28
C GLY A 270 -19.15 21.04 0.84
N LEU B 8 2.79 -5.71 17.33
CA LEU B 8 3.99 -5.74 16.52
C LEU B 8 4.77 -7.03 16.81
N LEU B 9 6.09 -6.94 16.74
CA LEU B 9 7.04 -8.01 17.01
C LEU B 9 6.85 -9.19 16.06
N ASP B 10 5.67 -9.81 16.08
CA ASP B 10 5.39 -10.91 15.17
C ASP B 10 5.28 -10.42 13.73
N ALA B 11 4.67 -9.25 13.53
CA ALA B 11 4.50 -8.71 12.18
C ALA B 11 5.83 -8.47 11.47
N HIS B 12 6.89 -8.16 12.23
CA HIS B 12 8.19 -7.88 11.66
C HIS B 12 9.19 -9.01 11.86
N ASN B 13 8.74 -10.15 12.38
CA ASN B 13 9.61 -11.32 12.59
C ASN B 13 10.82 -10.95 13.44
N VAL B 14 10.57 -10.20 14.51
CA VAL B 14 11.65 -9.69 15.34
C VAL B 14 12.32 -10.85 16.06
N ARG B 15 13.64 -10.95 15.90
CA ARG B 15 14.45 -11.97 16.55
C ARG B 15 15.54 -11.28 17.36
N VAL B 16 15.73 -11.72 18.60
CA VAL B 16 16.77 -11.21 19.48
C VAL B 16 17.65 -12.38 19.86
N VAL B 17 18.87 -12.40 19.32
CA VAL B 17 19.83 -13.45 19.59
C VAL B 17 21.10 -12.82 20.15
N GLY B 18 21.82 -13.58 20.95
CA GLY B 18 23.11 -13.16 21.47
C GLY B 18 23.13 -13.13 22.98
N MET B 19 24.36 -13.01 23.50
CA MET B 19 24.59 -12.99 24.94
C MET B 19 25.54 -11.87 25.36
N GLY B 20 25.93 -11.00 24.44
CA GLY B 20 26.88 -9.95 24.75
C GLY B 20 26.25 -8.80 25.54
N SER B 21 27.13 -7.89 25.96
CA SER B 21 26.71 -6.78 26.82
C SER B 21 25.99 -5.69 26.06
N GLU B 22 26.36 -5.46 24.80
CA GLU B 22 25.88 -4.32 24.04
C GLU B 22 24.74 -4.72 23.10
N LEU B 23 23.73 -3.87 23.03
CA LEU B 23 22.63 -4.06 22.09
C LEU B 23 23.04 -3.56 20.71
N VAL B 24 22.81 -4.39 19.69
CA VAL B 24 23.01 -4.01 18.30
C VAL B 24 21.76 -4.34 17.51
N VAL B 25 21.28 -3.36 16.75
CA VAL B 25 20.15 -3.54 15.84
C VAL B 25 20.68 -3.61 14.43
N LEU B 26 20.20 -4.58 13.65
CA LEU B 26 20.61 -4.77 12.27
C LEU B 26 19.40 -4.54 11.36
N GLY B 27 19.52 -3.60 10.43
CA GLY B 27 18.49 -3.33 9.46
C GLY B 27 18.92 -3.80 8.08
N HIS B 28 17.93 -4.17 7.26
CA HIS B 28 18.19 -4.69 5.93
C HIS B 28 17.64 -3.75 4.87
N GLY B 29 18.18 -3.88 3.66
CA GLY B 29 17.83 -3.01 2.55
C GLY B 29 16.72 -3.56 1.70
N PHE B 30 16.51 -2.89 0.56
CA PHE B 30 15.42 -3.25 -0.35
C PHE B 30 15.70 -4.59 -1.01
N GLY B 31 14.67 -5.42 -1.10
CA GLY B 31 14.75 -6.67 -1.82
C GLY B 31 15.11 -7.88 -0.98
N THR B 32 15.64 -7.69 0.24
CA THR B 32 15.99 -8.81 1.09
C THR B 32 15.23 -8.78 2.40
N ASP B 33 15.75 -9.49 3.40
CA ASP B 33 15.20 -9.46 4.75
C ASP B 33 16.36 -9.68 5.72
N GLN B 34 16.03 -9.89 7.00
CA GLN B 34 17.05 -10.06 8.03
C GLN B 34 17.96 -11.25 7.76
N SER B 35 17.59 -12.15 6.83
CA SER B 35 18.48 -13.25 6.46
C SER B 35 19.75 -12.77 5.78
N VAL B 36 19.79 -11.52 5.33
CA VAL B 36 20.99 -10.97 4.71
C VAL B 36 22.15 -10.94 5.70
N TRP B 37 21.86 -10.90 7.01
CA TRP B 37 22.87 -10.89 8.05
C TRP B 37 23.21 -12.28 8.56
N LYS B 38 22.82 -13.33 7.82
CA LYS B 38 22.96 -14.70 8.34
C LYS B 38 24.42 -15.06 8.65
N HIS B 39 25.35 -14.68 7.79
CA HIS B 39 26.75 -15.02 7.99
C HIS B 39 27.44 -14.16 9.04
N VAL B 40 26.83 -13.04 9.44
CA VAL B 40 27.48 -12.11 10.34
C VAL B 40 27.11 -12.38 11.80
N ILE B 41 25.84 -12.71 12.06
CA ILE B 41 25.36 -12.91 13.43
C ILE B 41 26.28 -13.82 14.26
N PRO B 42 26.73 -14.98 13.77
CA PRO B 42 27.57 -15.84 14.63
C PRO B 42 28.84 -15.17 15.13
N HIS B 43 29.30 -14.11 14.47
CA HIS B 43 30.50 -13.41 14.89
C HIS B 43 30.21 -12.24 15.84
N LEU B 44 28.93 -11.96 16.10
CA LEU B 44 28.54 -10.86 16.97
C LEU B 44 27.91 -11.33 18.28
N VAL B 45 27.41 -12.56 18.34
CA VAL B 45 26.60 -12.99 19.49
C VAL B 45 27.44 -13.07 20.76
N ASP B 46 28.75 -13.35 20.64
CA ASP B 46 29.59 -13.44 21.83
C ASP B 46 29.83 -12.07 22.45
N ASP B 47 29.85 -11.01 21.64
CA ASP B 47 30.12 -9.67 22.12
C ASP B 47 28.90 -8.78 22.20
N TYR B 48 27.79 -9.13 21.55
CA TYR B 48 26.63 -8.25 21.50
C TYR B 48 25.35 -9.05 21.65
N ARG B 49 24.28 -8.31 21.95
CA ARG B 49 22.91 -8.85 21.93
C ARG B 49 22.24 -8.25 20.69
N VAL B 50 22.02 -9.08 19.68
CA VAL B 50 21.65 -8.61 18.35
C VAL B 50 20.13 -8.64 18.21
N ILE B 51 19.57 -7.57 17.66
CA ILE B 51 18.14 -7.45 17.40
C ILE B 51 17.95 -7.38 15.89
N LEU B 52 17.17 -8.31 15.35
CA LEU B 52 16.87 -8.36 13.93
C LEU B 52 15.38 -8.18 13.69
N PHE B 53 15.06 -7.62 12.52
CA PHE B 53 13.67 -7.38 12.16
C PHE B 53 13.58 -7.24 10.65
N ASP B 54 12.37 -7.38 10.13
CA ASP B 54 12.09 -7.24 8.71
C ASP B 54 11.31 -5.95 8.47
N ASN B 55 11.69 -5.24 7.41
CA ASN B 55 10.95 -4.04 7.04
C ASN B 55 9.59 -4.42 6.48
N MET B 56 8.58 -3.64 6.85
CA MET B 56 7.23 -3.84 6.31
C MET B 56 7.26 -3.78 4.79
N GLY B 57 6.72 -4.82 4.15
CA GLY B 57 6.71 -4.92 2.70
C GLY B 57 7.70 -5.90 2.13
N ALA B 58 8.55 -6.50 2.96
CA ALA B 58 9.45 -7.54 2.47
C ALA B 58 8.66 -8.82 2.19
N GLY B 59 9.36 -9.80 1.60
CA GLY B 59 8.71 -11.06 1.26
C GLY B 59 8.22 -11.82 2.48
N THR B 60 8.99 -11.80 3.56
CA THR B 60 8.63 -12.52 4.78
C THR B 60 7.55 -11.81 5.58
N THR B 61 6.91 -10.81 5.00
CA THR B 61 5.93 -9.97 5.69
C THR B 61 4.55 -10.13 5.05
N ASP B 62 3.52 -9.78 5.83
CA ASP B 62 2.13 -9.91 5.40
C ASP B 62 1.67 -8.58 4.79
N PRO B 63 1.38 -8.52 3.50
CA PRO B 63 1.02 -7.23 2.87
C PRO B 63 -0.25 -6.61 3.43
N GLU B 64 -1.03 -7.34 4.23
CA GLU B 64 -2.19 -6.75 4.88
C GLU B 64 -1.79 -5.60 5.79
N PHE B 65 -0.54 -5.56 6.21
CA PHE B 65 -0.03 -4.55 7.13
C PHE B 65 0.81 -3.49 6.43
N PHE B 66 1.21 -3.72 5.18
CA PHE B 66 1.91 -2.69 4.42
C PHE B 66 0.91 -1.66 3.94
N SER B 67 1.05 -0.43 4.45
CA SER B 67 0.21 0.70 4.08
C SER B 67 0.92 1.54 3.03
N PHE B 68 0.38 1.56 1.81
CA PHE B 68 0.98 2.39 0.77
C PHE B 68 1.00 3.87 1.15
N SER B 69 0.17 4.29 2.10
CA SER B 69 0.25 5.66 2.61
C SER B 69 1.34 5.81 3.65
N ARG B 70 1.46 4.83 4.56
CA ARG B 70 2.46 4.89 5.62
C ARG B 70 3.89 4.84 5.06
N TYR B 71 4.09 4.13 3.95
CA TYR B 71 5.44 3.92 3.43
C TYR B 71 5.69 4.65 2.11
N SER B 72 4.90 5.68 1.81
CA SER B 72 5.26 6.59 0.72
C SER B 72 6.47 7.43 1.09
N THR B 73 6.77 7.55 2.38
CA THR B 73 7.95 8.22 2.89
C THR B 73 8.72 7.26 3.78
N LEU B 74 10.03 7.49 3.90
CA LEU B 74 10.82 6.68 4.83
C LEU B 74 10.48 6.93 6.28
N HIS B 75 9.56 7.87 6.55
CA HIS B 75 9.14 8.15 7.93
C HIS B 75 8.45 6.94 8.56
N GLY B 76 7.68 6.21 7.77
CA GLY B 76 6.97 5.05 8.30
C GLY B 76 7.89 3.95 8.79
N TYR B 77 8.96 3.66 8.04
CA TYR B 77 9.92 2.67 8.48
C TYR B 77 10.61 3.09 9.76
N ALA B 78 10.94 4.38 9.87
CA ALA B 78 11.54 4.89 11.10
C ALA B 78 10.57 4.77 12.27
N ASP B 79 9.30 5.08 12.03
CA ASP B 79 8.30 4.93 13.08
C ASP B 79 8.17 3.47 13.50
N ASP B 80 8.28 2.55 12.53
CA ASP B 80 8.34 1.13 12.84
C ASP B 80 9.55 0.82 13.72
N LEU B 81 10.74 1.22 13.26
CA LEU B 81 11.97 0.99 14.01
C LEU B 81 11.85 1.53 15.43
N LEU B 82 11.36 2.76 15.58
CA LEU B 82 11.17 3.32 16.91
C LEU B 82 10.15 2.51 17.71
N SER B 83 9.05 2.12 17.07
CA SER B 83 8.04 1.30 17.74
C SER B 83 8.64 -0.02 18.21
N ILE B 84 9.53 -0.61 17.40
CA ILE B 84 10.15 -1.88 17.78
C ILE B 84 11.03 -1.71 19.00
N LEU B 85 11.98 -0.78 18.93
CA LEU B 85 12.86 -0.51 20.07
C LEU B 85 12.05 -0.08 21.29
N GLU B 86 11.01 0.72 21.08
CA GLU B 86 10.11 1.09 22.18
C GLU B 86 9.46 -0.15 22.78
N GLU B 87 8.90 -1.02 21.95
CA GLU B 87 8.22 -2.22 22.46
C GLU B 87 9.21 -3.17 23.12
N LEU B 88 10.42 -3.30 22.56
CA LEU B 88 11.46 -4.10 23.18
C LEU B 88 12.10 -3.44 24.39
N GLU B 89 11.64 -2.25 24.78
CA GLU B 89 12.18 -1.54 25.93
C GLU B 89 13.67 -1.26 25.76
N VAL B 90 14.06 -0.93 24.54
CA VAL B 90 15.46 -0.61 24.24
C VAL B 90 15.72 0.84 24.63
N GLU B 91 16.72 1.05 25.48
CA GLU B 91 17.06 2.38 25.97
C GLU B 91 18.24 2.99 25.23
N SER B 92 19.10 2.15 24.68
CA SER B 92 20.35 2.58 24.05
C SER B 92 20.92 1.42 23.26
N CYS B 93 21.30 1.64 22.00
CA CYS B 93 21.76 0.54 21.17
C CYS B 93 22.59 1.07 20.01
N ILE B 94 23.38 0.17 19.43
CA ILE B 94 24.05 0.42 18.16
C ILE B 94 23.12 -0.03 17.04
N TYR B 95 22.92 0.84 16.06
CA TYR B 95 22.12 0.51 14.89
C TYR B 95 23.04 0.38 13.68
N VAL B 96 22.89 -0.72 12.95
CA VAL B 96 23.63 -0.96 11.72
C VAL B 96 22.62 -1.05 10.59
N GLY B 97 22.70 -0.13 9.64
CA GLY B 97 21.73 -0.08 8.57
C GLY B 97 22.30 -0.33 7.19
N HIS B 98 21.81 -1.39 6.55
CA HIS B 98 22.18 -1.71 5.18
C HIS B 98 21.19 -1.05 4.23
N SER B 99 21.72 -0.32 3.24
CA SER B 99 20.94 0.31 2.18
C SER B 99 19.91 1.26 2.75
N VAL B 100 18.61 1.10 2.45
CA VAL B 100 17.62 2.13 2.76
C VAL B 100 17.38 2.30 4.27
N ALA B 101 17.49 1.22 5.05
CA ALA B 101 17.25 1.39 6.47
C ALA B 101 18.40 2.12 7.17
N GLY B 102 19.54 2.28 6.50
CA GLY B 102 20.57 3.17 7.02
C GLY B 102 20.08 4.61 7.10
N MET B 103 19.33 5.05 6.07
CA MET B 103 18.66 6.34 6.14
CA MET B 103 18.66 6.33 6.13
C MET B 103 17.50 6.32 7.12
N VAL B 104 16.93 5.14 7.38
CA VAL B 104 15.82 5.03 8.33
C VAL B 104 16.33 5.20 9.76
N GLY B 105 17.50 4.61 10.07
CA GLY B 105 18.08 4.79 11.39
C GLY B 105 18.48 6.24 11.64
N CYS B 106 19.05 6.90 10.63
CA CYS B 106 19.37 8.31 10.75
C CYS B 106 18.11 9.15 10.93
N LEU B 107 17.05 8.80 10.19
CA LEU B 107 15.78 9.52 10.32
C LEU B 107 15.15 9.31 11.68
N ALA B 108 15.26 8.09 12.23
CA ALA B 108 14.70 7.81 13.55
C ALA B 108 15.49 8.53 14.64
N SER B 109 16.79 8.71 14.47
CA SER B 109 17.60 9.41 15.46
C SER B 109 17.22 10.87 15.59
N LEU B 110 16.56 11.45 14.57
CA LEU B 110 16.09 12.83 14.69
C LEU B 110 15.05 12.97 15.80
N GLU B 111 14.22 11.94 15.99
CA GLU B 111 13.19 11.98 17.03
C GLU B 111 13.71 11.54 18.39
N ARG B 112 14.64 10.60 18.41
CA ARG B 112 15.14 10.02 19.66
C ARG B 112 16.65 9.85 19.52
N PRO B 113 17.41 10.95 19.63
CA PRO B 113 18.86 10.85 19.49
C PRO B 113 19.54 10.11 20.62
N GLU B 114 18.88 9.98 21.77
CA GLU B 114 19.44 9.21 22.89
C GLU B 114 19.43 7.71 22.64
N ILE B 115 18.53 7.21 21.79
CA ILE B 115 18.39 5.76 21.61
C ILE B 115 19.57 5.17 20.86
N PHE B 116 20.22 5.96 20.00
CA PHE B 116 21.33 5.47 19.18
C PHE B 116 22.62 6.12 19.66
N THR B 117 23.55 5.29 20.16
CA THR B 117 24.90 5.75 20.47
C THR B 117 25.79 5.76 19.26
N LYS B 118 25.47 4.97 18.24
CA LYS B 118 26.29 4.81 17.08
C LYS B 118 25.44 4.26 15.94
N ILE B 119 25.61 4.83 14.75
CA ILE B 119 24.93 4.37 13.56
C ILE B 119 25.99 3.91 12.57
N ILE B 120 25.84 2.70 12.06
CA ILE B 120 26.74 2.17 11.03
C ILE B 120 25.90 1.95 9.78
N THR B 121 26.22 2.68 8.72
CA THR B 121 25.52 2.56 7.45
C THR B 121 26.33 1.70 6.50
N LEU B 122 25.63 0.84 5.76
CA LEU B 122 26.25 -0.02 4.75
C LEU B 122 25.50 0.17 3.45
N SER B 123 26.20 0.69 2.44
CA SER B 123 25.62 0.94 1.12
C SER B 123 24.47 1.94 1.19
N ALA B 124 24.53 2.88 2.14
CA ALA B 124 23.46 3.85 2.30
C ALA B 124 23.68 5.03 1.35
N SER B 125 22.59 5.78 1.12
CA SER B 125 22.61 6.93 0.23
C SER B 125 21.42 7.83 0.51
N PRO B 126 21.61 9.16 0.61
CA PRO B 126 20.47 10.05 0.85
C PRO B 126 19.73 10.44 -0.42
N ARG B 127 20.27 10.11 -1.59
CA ARG B 127 19.65 10.44 -2.86
C ARG B 127 20.31 9.66 -3.99
N TYR B 128 19.52 9.05 -4.86
CA TYR B 128 20.06 8.32 -6.00
C TYR B 128 20.03 9.15 -7.28
N LEU B 129 19.13 10.11 -7.37
CA LEU B 129 19.09 11.02 -8.51
C LEU B 129 20.27 11.97 -8.49
N ASN B 130 20.82 12.27 -9.66
CA ASN B 130 21.82 13.31 -9.76
C ASN B 130 21.17 14.67 -9.55
N ASP B 131 22.00 15.70 -9.39
CA ASP B 131 21.52 17.05 -9.19
C ASP B 131 22.72 17.99 -9.35
N ARG B 132 22.45 19.29 -9.17
CA ARG B 132 23.52 20.29 -9.21
C ARG B 132 24.54 19.99 -8.12
N ASP B 133 25.78 19.68 -8.54
CA ASP B 133 26.87 19.45 -7.61
C ASP B 133 26.58 18.25 -6.70
N TYR B 134 25.98 17.21 -7.28
CA TYR B 134 25.69 15.99 -6.53
C TYR B 134 25.59 14.85 -7.51
N PHE B 135 26.52 13.90 -7.43
CA PHE B 135 26.52 12.70 -8.26
C PHE B 135 25.87 11.58 -7.47
N GLY B 136 24.68 11.17 -7.89
CA GLY B 136 23.96 10.12 -7.21
C GLY B 136 24.06 8.78 -7.89
N GLY B 137 24.33 8.79 -9.19
CA GLY B 137 24.55 7.58 -9.97
C GLY B 137 23.54 7.35 -11.08
N PHE B 138 22.36 7.95 -10.98
CA PHE B 138 21.27 7.68 -11.91
C PHE B 138 20.64 8.99 -12.37
N GLU B 139 20.08 8.96 -13.56
CA GLU B 139 19.20 10.03 -14.03
C GLU B 139 17.75 9.57 -13.98
N GLN B 140 16.84 10.53 -14.16
CA GLN B 140 15.42 10.19 -14.13
C GLN B 140 15.05 9.25 -15.27
N ASP B 141 15.74 9.36 -16.40
CA ASP B 141 15.49 8.43 -17.49
C ASP B 141 16.00 7.03 -17.16
N ASP B 142 17.02 6.94 -16.29
CA ASP B 142 17.43 5.64 -15.79
C ASP B 142 16.38 5.04 -14.85
N LEU B 143 15.73 5.88 -14.05
CA LEU B 143 14.68 5.40 -13.16
C LEU B 143 13.44 4.98 -13.94
N ASN B 144 13.07 5.78 -14.95
CA ASN B 144 11.91 5.44 -15.77
C ASN B 144 12.09 4.10 -16.47
N GLN B 145 13.27 3.85 -17.03
CA GLN B 145 13.54 2.58 -17.70
C GLN B 145 13.44 1.41 -16.73
N LEU B 146 13.94 1.58 -15.51
CA LEU B 146 13.88 0.50 -14.53
C LEU B 146 12.46 0.29 -14.04
N PHE B 147 11.70 1.37 -13.85
CA PHE B 147 10.33 1.23 -13.38
C PHE B 147 9.45 0.57 -14.43
N GLU B 148 9.66 0.88 -15.72
CA GLU B 148 8.84 0.27 -16.75
C GLU B 148 9.18 -1.20 -16.91
N ALA B 149 10.46 -1.56 -16.83
CA ALA B 149 10.85 -2.96 -16.94
C ALA B 149 10.28 -3.79 -15.79
N MET B 150 10.21 -3.21 -14.59
CA MET B 150 9.64 -3.94 -13.47
C MET B 150 8.13 -4.11 -13.62
N GLN B 151 7.44 -3.15 -14.23
CA GLN B 151 6.01 -3.34 -14.51
C GLN B 151 5.78 -4.11 -15.81
N SER B 152 6.71 -4.02 -16.77
CA SER B 152 6.55 -4.73 -18.02
C SER B 152 6.60 -6.24 -17.81
N ASN B 153 7.64 -6.72 -17.13
CA ASN B 153 7.74 -8.13 -16.77
C ASN B 153 8.57 -8.20 -15.50
N PHE B 154 7.89 -8.31 -14.35
CA PHE B 154 8.56 -8.30 -13.06
C PHE B 154 9.62 -9.37 -12.97
N LYS B 155 9.38 -10.53 -13.60
CA LYS B 155 10.34 -11.63 -13.55
C LYS B 155 11.59 -11.31 -14.38
N ALA B 156 11.40 -10.70 -15.55
CA ALA B 156 12.56 -10.36 -16.37
C ALA B 156 13.41 -9.29 -15.72
N TRP B 157 12.80 -8.40 -14.95
CA TRP B 157 13.57 -7.37 -14.25
C TRP B 157 14.43 -7.99 -13.15
N VAL B 158 13.84 -8.86 -12.33
CA VAL B 158 14.58 -9.47 -11.23
C VAL B 158 15.75 -10.30 -11.75
N SER B 159 15.56 -10.97 -12.88
CA SER B 159 16.62 -11.83 -13.42
C SER B 159 17.84 -11.02 -13.83
N GLY B 160 17.66 -9.74 -14.16
CA GLY B 160 18.77 -8.88 -14.50
C GLY B 160 19.21 -7.99 -13.36
N PHE B 161 18.27 -7.61 -12.49
CA PHE B 161 18.56 -6.68 -11.41
C PHE B 161 19.42 -7.34 -10.34
N ALA B 162 19.01 -8.53 -9.88
CA ALA B 162 19.74 -9.19 -8.80
C ALA B 162 21.21 -9.47 -9.11
N PRO B 163 21.61 -9.85 -10.34
CA PRO B 163 23.05 -9.96 -10.61
C PRO B 163 23.77 -8.63 -10.59
N LEU B 164 23.07 -7.51 -10.83
CA LEU B 164 23.70 -6.21 -10.83
C LEU B 164 23.75 -5.58 -9.44
N ALA B 165 22.73 -5.81 -8.62
CA ALA B 165 22.75 -5.30 -7.25
C ALA B 165 23.82 -6.00 -6.42
N VAL B 166 23.82 -7.34 -6.43
CA VAL B 166 24.81 -8.10 -5.68
C VAL B 166 26.17 -8.08 -6.36
N GLY B 167 26.23 -7.80 -7.66
CA GLY B 167 27.43 -8.03 -8.40
C GLY B 167 27.59 -9.52 -8.68
N ALA B 168 28.80 -9.88 -9.10
CA ALA B 168 29.21 -11.26 -9.37
C ALA B 168 28.36 -11.93 -10.44
N ASP B 169 28.63 -13.20 -10.70
CA ASP B 169 27.96 -13.95 -11.75
C ASP B 169 26.52 -14.27 -11.37
N ILE B 170 25.70 -14.56 -12.38
CA ILE B 170 24.36 -15.06 -12.15
C ILE B 170 24.36 -16.40 -11.43
N ASP B 171 25.43 -17.18 -11.56
CA ASP B 171 25.46 -18.51 -10.97
C ASP B 171 25.82 -18.50 -9.49
N SER B 172 26.19 -17.35 -8.94
CA SER B 172 26.61 -17.29 -7.55
C SER B 172 25.41 -17.42 -6.62
N MET B 173 25.64 -18.01 -5.44
CA MET B 173 24.54 -18.30 -4.53
C MET B 173 23.92 -17.03 -3.97
N ALA B 174 24.71 -15.97 -3.77
CA ALA B 174 24.16 -14.72 -3.25
C ALA B 174 23.15 -14.13 -4.21
N VAL B 175 23.43 -14.17 -5.52
CA VAL B 175 22.48 -13.69 -6.51
C VAL B 175 21.18 -14.50 -6.46
N GLN B 176 21.31 -15.83 -6.47
CA GLN B 176 20.13 -16.70 -6.37
C GLN B 176 19.30 -16.37 -5.13
N GLU B 177 19.98 -16.17 -3.99
CA GLU B 177 19.27 -15.85 -2.75
C GLU B 177 18.56 -14.51 -2.86
N PHE B 178 19.27 -13.48 -3.33
CA PHE B 178 18.69 -12.14 -3.41
C PHE B 178 17.52 -12.11 -4.38
N GLY B 179 17.71 -12.68 -5.59
CA GLY B 179 16.62 -12.78 -6.53
C GLY B 179 15.41 -13.50 -5.98
N ARG B 180 15.64 -14.51 -5.13
CA ARG B 180 14.52 -15.24 -4.53
C ARG B 180 13.71 -14.34 -3.61
N THR B 181 14.38 -13.65 -2.69
CA THR B 181 13.67 -12.75 -1.78
C THR B 181 13.13 -11.52 -2.51
N LEU B 182 13.87 -11.03 -3.50
CA LEU B 182 13.40 -9.90 -4.29
C LEU B 182 12.11 -10.24 -5.04
N PHE B 183 12.02 -11.46 -5.57
CA PHE B 183 10.84 -11.85 -6.32
C PHE B 183 9.66 -12.21 -5.41
N ASN B 184 9.91 -12.45 -4.13
CA ASN B 184 8.83 -12.83 -3.22
C ASN B 184 8.00 -11.64 -2.76
N ILE B 185 8.41 -10.42 -3.08
CA ILE B 185 7.60 -9.26 -2.79
C ILE B 185 6.41 -9.21 -3.75
N ARG B 186 5.22 -8.97 -3.20
CA ARG B 186 4.05 -8.77 -4.04
C ARG B 186 4.33 -7.62 -5.02
N PRO B 187 4.15 -7.83 -6.33
CA PRO B 187 4.74 -6.89 -7.31
C PRO B 187 4.31 -5.45 -7.12
N ASP B 188 3.05 -5.19 -6.72
CA ASP B 188 2.61 -3.83 -6.53
C ASP B 188 3.30 -3.15 -5.34
N ILE B 189 3.84 -3.92 -4.40
CA ILE B 189 4.62 -3.35 -3.31
C ILE B 189 6.07 -3.15 -3.71
N ALA B 190 6.66 -4.15 -4.39
CA ALA B 190 8.03 -4.01 -4.86
C ALA B 190 8.16 -2.81 -5.79
N PHE B 191 7.20 -2.64 -6.71
CA PHE B 191 7.18 -1.47 -7.57
C PHE B 191 7.06 -0.19 -6.76
N SER B 192 6.11 -0.16 -5.81
CA SER B 192 5.89 1.05 -5.01
C SER B 192 7.10 1.37 -4.14
N VAL B 193 7.67 0.35 -3.48
CA VAL B 193 8.80 0.60 -2.60
C VAL B 193 10.04 0.98 -3.39
N ALA B 194 10.20 0.42 -4.59
CA ALA B 194 11.35 0.79 -5.41
C ALA B 194 11.25 2.23 -5.90
N LYS B 195 10.03 2.75 -6.06
CA LYS B 195 9.89 4.16 -6.43
C LYS B 195 10.19 5.08 -5.26
N THR B 196 9.59 4.79 -4.10
CA THR B 196 9.85 5.57 -2.90
C THR B 196 11.35 5.69 -2.60
N ILE B 197 12.06 4.57 -2.66
CA ILE B 197 13.48 4.56 -2.33
C ILE B 197 14.27 5.31 -3.39
N PHE B 198 14.17 4.89 -4.65
CA PHE B 198 15.01 5.43 -5.70
C PHE B 198 14.76 6.92 -5.94
N GLN B 199 13.57 7.41 -5.63
CA GLN B 199 13.23 8.81 -5.85
C GLN B 199 13.35 9.65 -4.58
N SER B 200 13.88 9.08 -3.50
CA SER B 200 14.01 9.81 -2.25
C SER B 200 15.10 10.87 -2.32
N ASP B 201 14.97 11.89 -1.48
CA ASP B 201 16.00 12.93 -1.33
C ASP B 201 15.98 13.36 0.13
N LEU B 202 16.85 12.77 0.93
CA LEU B 202 16.91 13.04 2.37
C LEU B 202 18.15 13.84 2.76
N ARG B 203 18.71 14.59 1.82
CA ARG B 203 19.94 15.34 2.10
C ARG B 203 19.69 16.47 3.08
N ILE B 204 18.53 17.11 3.03
CA ILE B 204 18.20 18.16 3.98
C ILE B 204 18.15 17.62 5.42
N MET B 205 17.82 16.34 5.60
CA MET B 205 17.74 15.76 6.95
C MET B 205 19.13 15.54 7.55
N LEU B 206 20.13 15.26 6.72
CA LEU B 206 21.45 14.85 7.19
C LEU B 206 22.08 15.79 8.21
N PRO B 207 22.12 17.12 8.01
CA PRO B 207 22.78 17.97 9.01
C PRO B 207 22.15 17.90 10.40
N LYS B 208 20.85 17.65 10.50
CA LYS B 208 20.20 17.56 11.79
C LYS B 208 20.57 16.29 12.55
N VAL B 209 21.30 15.36 11.95
CA VAL B 209 21.71 14.14 12.62
C VAL B 209 22.96 14.43 13.45
N THR B 210 22.91 14.12 14.74
CA THR B 210 24.05 14.35 15.62
C THR B 210 24.70 13.07 16.12
N VAL B 211 24.03 11.92 16.00
CA VAL B 211 24.59 10.65 16.47
C VAL B 211 25.84 10.32 15.65
N PRO B 212 26.90 9.79 16.26
CA PRO B 212 28.07 9.37 15.48
C PRO B 212 27.70 8.30 14.45
N CYS B 213 28.22 8.47 13.24
CA CYS B 213 27.90 7.59 12.12
C CYS B 213 29.17 7.03 11.51
N HIS B 214 29.18 5.71 11.30
CA HIS B 214 30.26 5.02 10.59
C HIS B 214 29.74 4.60 9.23
N ILE B 215 30.31 5.17 8.17
CA ILE B 215 29.81 5.00 6.81
C ILE B 215 30.65 3.92 6.12
N LEU B 216 30.05 2.74 5.93
CA LEU B 216 30.67 1.64 5.20
C LEU B 216 30.13 1.57 3.79
N GLN B 217 31.00 1.20 2.85
CA GLN B 217 30.64 1.25 1.43
C GLN B 217 31.57 0.37 0.62
N SER B 218 31.00 -0.41 -0.29
CA SER B 218 31.79 -1.17 -1.24
C SER B 218 32.45 -0.23 -2.24
N SER B 219 33.69 -0.54 -2.62
CA SER B 219 34.41 0.30 -3.57
C SER B 219 33.68 0.41 -4.91
N LYS B 220 32.94 -0.63 -5.28
CA LYS B 220 32.16 -0.63 -6.52
C LYS B 220 30.71 -1.00 -6.19
N ASP B 221 29.86 0.02 -6.08
CA ASP B 221 28.44 -0.16 -5.79
C ASP B 221 27.65 0.60 -6.83
N LEU B 222 26.83 -0.12 -7.61
CA LEU B 222 26.12 0.51 -8.73
C LEU B 222 24.98 1.39 -8.26
N ALA B 223 24.46 1.16 -7.06
CA ALA B 223 23.44 2.05 -6.50
C ALA B 223 24.04 3.20 -5.71
N VAL B 224 25.32 3.12 -5.34
CA VAL B 224 25.95 4.14 -4.51
C VAL B 224 27.36 4.43 -5.01
N PRO B 225 27.57 5.53 -5.72
CA PRO B 225 28.94 5.91 -6.08
C PRO B 225 29.75 6.26 -4.83
N LEU B 226 31.07 6.04 -4.93
CA LEU B 226 31.97 6.29 -3.81
C LEU B 226 31.77 7.68 -3.20
N VAL B 227 31.52 8.68 -4.04
CA VAL B 227 31.38 10.07 -3.58
C VAL B 227 30.21 10.26 -2.63
N VAL B 228 29.24 9.34 -2.63
CA VAL B 228 28.09 9.49 -1.72
C VAL B 228 28.53 9.31 -0.28
N ALA B 229 29.56 8.51 -0.03
CA ALA B 229 30.10 8.37 1.31
C ALA B 229 30.67 9.70 1.81
N ASP B 230 31.47 10.36 0.96
CA ASP B 230 32.07 11.63 1.35
C ASP B 230 31.01 12.70 1.57
N TYR B 231 29.94 12.69 0.77
CA TYR B 231 28.86 13.64 0.99
C TYR B 231 28.24 13.44 2.36
N LEU B 232 27.98 12.18 2.73
CA LEU B 232 27.50 11.89 4.08
C LEU B 232 28.49 12.36 5.13
N HIS B 233 29.78 12.14 4.88
CA HIS B 233 30.82 12.57 5.81
C HIS B 233 30.78 14.08 6.04
N HIS B 234 30.52 14.85 4.99
CA HIS B 234 30.48 16.31 5.11
C HIS B 234 29.11 16.85 5.51
N ALA B 235 28.04 16.08 5.31
CA ALA B 235 26.70 16.57 5.57
C ALA B 235 26.16 16.17 6.94
N LEU B 236 26.53 14.98 7.43
CA LEU B 236 26.04 14.53 8.73
C LEU B 236 26.55 15.45 9.83
N GLY B 237 25.63 15.91 10.68
CA GLY B 237 25.98 16.87 11.72
C GLY B 237 26.77 16.28 12.88
N GLY B 238 26.77 14.95 13.03
CA GLY B 238 27.51 14.32 14.10
C GLY B 238 28.80 13.72 13.59
N PRO B 239 29.64 13.24 14.50
CA PRO B 239 30.95 12.71 14.09
C PRO B 239 30.81 11.56 13.11
N THR B 240 31.72 11.50 12.15
CA THR B 240 31.63 10.54 11.06
C THR B 240 33.01 10.03 10.67
N ILE B 241 33.03 8.79 10.16
CA ILE B 241 34.21 8.21 9.54
C ILE B 241 33.72 7.36 8.37
N VAL B 242 34.58 7.22 7.36
CA VAL B 242 34.25 6.48 6.14
C VAL B 242 35.28 5.38 5.95
N GLU B 243 34.79 4.16 5.75
CA GLU B 243 35.64 3.02 5.39
C GLU B 243 35.11 2.39 4.11
N VAL B 244 35.94 2.36 3.08
CA VAL B 244 35.59 1.73 1.81
C VAL B 244 35.95 0.26 1.90
N LEU B 245 35.01 -0.61 1.54
CA LEU B 245 35.27 -2.04 1.56
C LEU B 245 35.83 -2.48 0.21
N PRO B 246 36.91 -3.26 0.19
CA PRO B 246 37.48 -3.71 -1.09
C PRO B 246 36.66 -4.81 -1.75
N THR B 247 35.38 -4.51 -2.00
CA THR B 247 34.45 -5.47 -2.57
C THR B 247 33.61 -4.79 -3.63
N GLU B 248 32.81 -5.59 -4.33
CA GLU B 248 31.81 -5.09 -5.26
C GLU B 248 30.45 -5.65 -4.87
N GLY B 249 29.43 -4.80 -4.90
CA GLY B 249 28.08 -5.25 -4.61
C GLY B 249 27.37 -4.41 -3.57
N HIS B 250 26.04 -4.43 -3.62
CA HIS B 250 25.23 -3.66 -2.68
C HIS B 250 25.01 -4.40 -1.37
N LEU B 251 25.12 -5.73 -1.36
CA LEU B 251 24.88 -6.55 -0.17
C LEU B 251 26.14 -7.34 0.17
N PRO B 252 27.24 -6.66 0.53
CA PRO B 252 28.50 -7.38 0.75
C PRO B 252 28.46 -8.30 1.96
N GLN B 253 27.57 -8.05 2.92
CA GLN B 253 27.42 -8.97 4.03
C GLN B 253 26.87 -10.32 3.59
N LEU B 254 26.24 -10.39 2.43
CA LEU B 254 25.77 -11.63 1.84
C LEU B 254 26.83 -12.27 0.95
N SER B 255 27.37 -11.51 0.00
CA SER B 255 28.30 -12.05 -0.97
C SER B 255 29.70 -12.22 -0.40
N SER B 256 30.15 -11.30 0.45
CA SER B 256 31.53 -11.28 0.93
C SER B 256 31.58 -11.11 2.44
N PRO B 257 31.01 -12.05 3.20
CA PRO B 257 31.04 -11.93 4.66
C PRO B 257 32.44 -12.05 5.25
N ASP B 258 33.35 -12.75 4.56
CA ASP B 258 34.71 -12.90 5.06
C ASP B 258 35.41 -11.54 5.18
N ILE B 259 35.04 -10.59 4.32
CA ILE B 259 35.65 -9.26 4.34
C ILE B 259 34.88 -8.33 5.27
N ILE B 260 33.56 -8.45 5.27
CA ILE B 260 32.71 -7.52 6.01
C ILE B 260 32.93 -7.66 7.51
N ILE B 261 32.97 -8.90 8.00
CA ILE B 261 32.97 -9.13 9.45
C ILE B 261 34.11 -8.43 10.17
N PRO B 262 35.37 -8.57 9.77
CA PRO B 262 36.44 -7.87 10.52
C PRO B 262 36.30 -6.36 10.52
N VAL B 263 35.79 -5.77 9.44
CA VAL B 263 35.63 -4.33 9.39
C VAL B 263 34.46 -3.89 10.28
N LEU B 264 33.35 -4.62 10.22
CA LEU B 264 32.18 -4.26 11.02
C LEU B 264 32.47 -4.39 12.52
N LYS B 265 33.22 -5.42 12.91
CA LYS B 265 33.54 -5.62 14.32
C LYS B 265 34.40 -4.48 14.86
N ARG B 266 35.32 -3.97 14.04
CA ARG B 266 36.16 -2.87 14.46
C ARG B 266 35.35 -1.59 14.68
N HIS B 267 34.37 -1.34 13.81
CA HIS B 267 33.52 -0.17 13.96
C HIS B 267 32.44 -0.36 15.03
N LEU B 268 32.05 -1.60 15.28
CA LEU B 268 31.10 -1.87 16.37
C LEU B 268 31.75 -1.63 17.73
N ALA B 269 33.04 -1.91 17.86
CA ALA B 269 33.73 -1.77 19.13
C ALA B 269 34.32 -0.39 19.35
N GLY B 270 34.52 0.39 18.28
CA GLY B 270 35.08 1.71 18.39
C GLY B 270 34.06 2.81 18.22
#